data_2AAR
#
_entry.id   2AAR
#
_cell.length_a   169.386
_cell.length_b   407.063
_cell.length_c   692.746
_cell.angle_alpha   90.00
_cell.angle_beta   90.00
_cell.angle_gamma   90.00
#
_symmetry.space_group_name_H-M   'I 2 2 2'
#
loop_
_entity.id
_entity.type
_entity.pdbx_description
1 polymer '23S ribosomal RNA'
2 polymer '50S ribosomal protein L23'
3 polymer '50S ribosomal protein L29'
4 polymer 'Trigger Factor'
#
loop_
_entity_poly.entity_id
_entity_poly.type
_entity_poly.pdbx_seq_one_letter_code
_entity_poly.pdbx_strand_id
1 'polyribonucleotide'
;GGUCAAGAUAGUAAGGGUCCACGGUGGAUGCCCUGGCGCUGGAGCCGAUGAAGGACGCGAUUACCUGCGAAAAGCCCCGA
CGAGCUGGAGAUACGCUUUGACUCGGGGAUGUCCGAAUGGGGAAACCCACCUCGUAAGAGGUAUCCGCAAGGAUGGGAAC
UCAGGGAACUGAAACAUCUCAGUACCUGAAGGAGAAGAAAGAGAAUUCGAUUCCGUUAGUAGCGGCGAGCGAACCCGGAU
CAGCCCAAACCGAAACGCUUGCGUUUCGGGGUUGUAGGACCAGUUUUUAAGAUUCAACCCCUCAAGCCGAAGUGGCUGGA
AAGCUACACCUCAGAAGGUGAGAGUCCUGUAGGCGAACGAGCGGUUGACUGUACUGGCACCUGAGUAGGUCGUUGUUCGU
GAAACGAUGACUGAAUCCGCGCGGACCACCGCGCAAGGCUAAAUACUCCCAGUGACCGAUAGCGCAUAGUACCGUGAGGG
AAAGGUGAAAAGAACCCCGGGAGGGGAGUGAAAGAGAACCUGAAACCGUGGACUUACAAGCAGUCAUGGCACCUUAUGCG
UGUUAUGGCGUGCCUAUUGAAGCAUGAGCCGGCGACUUAGACCUGACGUGCGAGCUUAAGUUGAAAAACGGAGGCGGAGC
GAAAGCGAGUCCGAAUAGGGCGGCAUUAGUACGUCGGGCUAGACUCGAAACCAGGUGAGCUAAGCAUGACCAGGUUGAAA
CCCCCGUGACAGGGGGCGGAGGACCGAACCGGUGCCUGCUGAAACAGUCUCGGAUGAGUUGUGUUUAGGAGUGAAAAGCU
AACCGAACCUGGAGAUAGCUAGUUCUCCCCGAAAUGUAUUGAGGUACAGCCUCGGAUGUUGACCAUGUCCUGUAGAGCAC
UCACAAGGCUAGGGGGCCUACCAGCUUACCAAACCUUAUGAAACUCCGAAGGGGCACGCGUUUAGUCCGGGAGUGAGGCU
GCGAGAGCUAACUUCCGUAGCCGAGAGGGAAACAACCCAGACCAUCAGCUAAGGUCCCUAAAUGAUCGCUCAGUGGUUAA
GGAUGUGUCGUCGCAUAGACAGCCAGGAGGUUGGCUUAGAAGCAGCCACCCUUCAAAGAGUGCGUAAUAGCUCACUGGUC
GAGUGACGAUGCGCCGAAAAUGAUCGGGGCUCAAGUGAUCUACCGAAGCUAUGGAUUCAACUCGCGAAGCGAGUUGUCUG
GUAGGGGAGCGUUCAGUCCGCGGAGAAGCCAUACCGGAAGGAGUGGUGGAGCCGACUGAAGUGCGGAUGCCGGCAUGAGU
AACGAUAAAAGAAGUGAGAAUCUUCUUCGCCGUAAGGACAAGGGUUCCUGGGGAAGGGUCGUCCGCCCAGGGAAAGUCGG
GACCUAAGGUGAGGCCGAACGGCGCAGCCGAUGGACAGCAGGUCAAGAUUCCUGCACCGAUCAUGUGGAGUGAUGGAGGG
ACGCAUUACGCUAUCCAAUGCCAAGCUAUGGCUAUGCUGGUUGGUACGCUCAAGGGCGAUCGGGUCAGAAAAUCUACCGG
UCACAUGCCUCAGACGUAUCGGGAGCUUCCUCGGAAGCGAAGUUGGAAACGCGACGGUGCCAAGAAAAGCUUCUAAACGU
UGAAACAUGAUUGCCCGUACCGCAAACCGACACAGGUGUCCGAGUGUCAAUGCACUAAGGCGCGCGAGAGAACCCUCGUU
AAGGAACUUUGCAAUCUCACCCCGUAACUUCGGAAGAAGGGGUCCCCACGCUUCGCGUGGGGCGCAGUGAAUAGGCCCAG
GCGACUGUUUACCAAAAUCACAGCACUCUGCCAACACGAACAGUGGACGUAUAGGGUGUGACGCCUGCCCGGUGCCGGAA
GGUCAAGUGGAGCGGUGCAAGCUGCGAAAUGAAGCCCCGGUGAACGGCGGCCGUAACUAUAACGGUCCUAAGGUAGCGAA
AUUCCUUGUCGGGUAAGUUCCGACCUGCACGAAAGGCGUAACGAUCUGGGCGCUGUCUCAACGAGGGACUCGGUGAAAUU
GAAUUGGCUGUAAAGAUGCGGCCUACCCGUAGCAGGACGAAAAGACCCCGUGGAGCUUUACUAUAGUCUGGCAUUGGGAU
UCGGGUUUCUCUGCGUAGGAUAGGUGGGAGCCUGCGAAACUGGCCUUUUGGGGUCGGUGGAGGCAACGGUGAAAUACCAC
CCUGAGAAACUUGGAUUUCUAACCUGAAAAAUCACUUUCGGGGACCGUGCUUGGCGGGUAGUUUGACUGGGGCGGUCGCC
UCCCAAAAUGUAACGGAGGCGCCCAAAGGUCACCUCAAGACGGUUGGAAAUCGUCUGUAGAGCGCAAAGGUAGAAGGUGG
CUUGACUGCGAGACUGACACGUCGAGCAGGGAGGAAACUCGGGCUUAGUGAACCGGUGGUACCGUGUGGAAGGGCCAUCG
AUCAACGGAUAAAAGUUACCCCGGGGAUAACAGGCUGAUCUCCCCCGAGAGUCCAUAUCGGCGGGGAGGUUUGGCACCUC
GAUGUCGGCUCGUCGCAUCCUGGGGCUGAAGAAGGUCCCAAGGGUUGGGCUGUUCGCCCAUUAAAGCGGCACGCGAGCUG
GGUUCAGAACGUCGUGAGACAGUUCGGUCUCUAUCCGCUACGGGCGCAGGAGAAUUGAGGGGAGUUGCUCCUAGUACGAG
AGGACCGGAGUGAACGGACCGCUGGUCUCCCUGCUGUCGUACCAACGGCACAUGCAGGGUAGCUAUGUCCGGAACGGAUA
ACCGCUGAAAGCAUCUAAGCGGGAAGCCAGCCCCAAGAUGAGUUCUCCCACUGUUUAUCAGGUAAGACUCCCGGAAGACC
ACCGGGUUAAGAGGCCAGGCGUGCACGCAUAGCAAUGUGUUCAGCGGACUGGUGCUCAUCAGUCGAGGUCUUGACCACUC
;
0
2 'polypeptide(L)'
;MSHYDILQAPVISEKAYSAMERGVYSFWVSPKATKTEIKDAIQQAFGVRVIGISTMNVPGKRKRVGRFIGQRNDRKKAIV
RLAEGQSIEALAGQA
;
R
3 'polypeptide(L)' MKPSEMRNLQATDFAKEIDARKKELMELRFQAAAGQLAQPHRVRQLRREVAQLNTVKAELARKGEQQ W
4 'polypeptide(L)'
;AELISKEGNKVEFKVSVPAAEVNRAYDQVWAGLARDVRVPGFRPGKAPRKVIENRVGKGYVESQVRDRLLETHYSQGLRE
LGLNLVDATVDPQDVQSGQAFEFTVKGETYPEV
;
7
#
loop_
_chem_comp.id
_chem_comp.type
_chem_comp.name
_chem_comp.formula
A RNA linking ADENOSINE-5'-MONOPHOSPHATE 'C10 H14 N5 O7 P'
C RNA linking CYTIDINE-5'-MONOPHOSPHATE 'C9 H14 N3 O8 P'
G RNA linking GUANOSINE-5'-MONOPHOSPHATE 'C10 H14 N5 O8 P'
U RNA linking URIDINE-5'-MONOPHOSPHATE 'C9 H13 N2 O9 P'
#
# COMPACT_ATOMS: atom_id res chain seq x y z
CA SER B 2 22.82 9.04 0.44
CA HIS B 3 20.60 6.52 2.31
CA TYR B 4 17.67 5.56 0.03
CA ASP B 5 19.75 5.18 -3.06
CA ILE B 6 21.39 2.39 -1.04
CA LEU B 7 18.04 0.66 -0.49
CA GLN B 8 16.03 -0.46 -3.52
CA ALA B 9 13.20 -2.41 -1.78
CA PRO B 10 12.57 -5.06 0.88
CA VAL B 11 11.80 -8.50 -0.50
CA ILE B 12 8.30 -9.94 -0.76
CA SER B 13 9.73 -13.42 -0.96
CA GLU B 14 8.01 -16.07 1.08
CA LYS B 15 11.23 -16.51 3.06
CA ALA B 16 11.83 -12.88 3.86
CA TYR B 17 8.55 -13.01 5.76
CA SER B 18 9.10 -16.27 7.60
CA ALA B 19 12.55 -14.82 8.35
CA MET B 20 11.21 -11.59 9.71
CA GLU B 21 9.18 -13.69 12.12
CA ARG B 22 12.50 -13.94 14.01
CA GLY B 23 14.70 -10.91 13.17
CA VAL B 24 15.91 -11.43 9.59
CA TYR B 25 14.97 -8.75 7.06
CA SER B 26 15.61 -8.73 3.29
CA PHE B 27 16.71 -5.65 1.40
CA TRP B 28 17.53 -5.23 -2.24
CA VAL B 29 20.65 -3.14 -1.60
CA SER B 30 22.35 -1.26 -4.46
CA PRO B 31 24.57 -3.43 -6.69
CA LYS B 32 27.65 -1.46 -5.53
CA ALA B 33 26.64 -0.67 -1.93
CA THR B 34 29.22 -2.51 0.18
CA LYS B 35 28.17 -4.51 3.25
CA THR B 36 29.27 -1.59 5.38
CA GLU B 37 27.60 0.92 3.05
CA ILE B 38 24.35 -1.03 3.41
CA LYS B 39 24.28 -1.13 7.19
CA ASP B 40 25.69 2.37 7.79
CA ALA B 41 22.52 2.97 5.75
CA ILE B 42 20.06 0.61 7.40
CA GLN B 43 21.07 1.36 10.99
CA GLN B 44 20.66 5.14 11.08
CA ALA B 45 17.62 5.20 8.80
CA PHE B 46 15.91 2.33 10.52
CA GLY B 47 16.63 3.22 14.16
CA VAL B 48 18.38 -0.17 14.37
CA ARG B 49 21.83 -1.65 15.07
CA VAL B 50 22.30 -4.74 12.89
CA ILE B 51 24.75 -7.25 14.33
CA GLY B 52 24.55 -9.72 11.51
CA ILE B 53 25.06 -8.66 7.89
CA SER B 54 25.39 -11.00 4.96
CA THR B 55 25.33 -9.70 1.39
CA MET B 56 24.31 -11.71 -1.63
CA ASN B 57 24.50 -10.90 -5.30
CA VAL B 58 22.14 -12.04 -8.01
CA PRO B 59 22.10 -11.64 -11.80
CA GLY B 60 18.88 -11.54 -13.86
CA LYS B 61 17.52 -12.20 -17.40
CA ARG B 62 14.46 -12.58 -19.57
CA LYS B 63 13.84 -11.89 -23.29
CA ARG B 64 10.26 -10.85 -23.81
CA VAL B 65 8.81 -10.19 -27.28
CA GLY B 66 10.05 -11.95 -30.37
CA ARG B 67 13.30 -10.55 -31.72
CA PHE B 68 15.88 -13.21 -30.95
CA ILE B 69 16.86 -10.32 -28.67
CA GLY B 70 16.31 -9.82 -24.96
CA GLN B 71 18.38 -8.84 -21.93
CA ARG B 72 18.59 -8.52 -18.14
CA ASN B 73 19.05 -6.34 -15.01
CA ASP B 74 21.17 -7.80 -12.19
CA ARG B 75 21.00 -6.41 -8.66
CA LYS B 76 22.08 -7.20 -5.07
CA LYS B 77 20.41 -8.54 -1.94
CA ALA B 78 20.98 -8.28 1.79
CA ILE B 79 19.83 -10.45 4.68
CA VAL B 80 20.62 -9.02 8.10
CA ARG B 81 20.32 -10.03 11.78
CA LEU B 82 19.33 -6.86 13.64
CA ALA B 83 19.67 -6.16 17.34
CA GLU B 84 18.70 -8.62 20.04
CA GLY B 85 15.15 -7.32 19.68
CA GLN B 86 12.57 -5.98 17.20
CA SER B 87 12.74 -5.41 13.41
CA ILE B 88 11.05 -2.29 11.94
CA GLU B 89 8.28 -0.62 13.98
CA ALA B 90 5.83 -0.48 11.06
CA LEU B 91 6.67 0.45 7.43
CA ALA B 92 6.61 -3.15 6.13
CA GLY B 93 4.08 -4.37 8.71
CA GLN B 94 1.13 -2.16 7.71
CA LYS C 2 7.68 23.66 -2.21
CA PRO C 3 6.91 24.47 -5.90
CA SER C 4 10.59 24.49 -6.92
CA GLU C 5 13.22 27.00 -5.79
CA MET C 6 14.54 28.19 -2.40
CA ARG C 7 13.65 31.87 -3.05
CA ASN C 8 13.36 32.44 0.67
CA LEU C 9 15.75 29.66 1.65
CA GLN C 10 19.50 29.69 2.38
CA ALA C 11 21.90 26.69 2.45
CA THR C 12 21.77 24.49 5.60
CA ASP C 13 18.06 23.66 5.23
CA PHE C 14 19.06 21.87 2.03
CA ALA C 15 20.39 18.45 2.91
CA LYS C 16 16.96 18.32 4.62
CA GLU C 17 14.97 20.04 1.89
CA ILE C 18 16.39 17.20 -0.21
CA ASP C 19 16.70 14.33 2.24
CA ALA C 20 13.04 14.50 3.24
CA ARG C 21 11.65 14.50 -0.30
CA LYS C 22 14.27 11.84 -0.95
CA LYS C 23 14.46 9.14 1.70
CA GLU C 24 10.75 9.68 1.10
CA LEU C 25 11.23 7.17 -1.66
CA MET C 26 13.54 5.20 0.68
CA GLU C 27 10.07 4.57 1.91
CA LEU C 28 8.18 5.16 -1.34
CA ARG C 29 9.31 2.52 -3.91
CA PHE C 30 9.07 0.40 -0.76
CA GLN C 31 5.92 -1.18 -2.21
CA ALA C 32 6.33 -4.10 -4.61
CA ALA C 33 3.48 -5.14 -2.36
CA ALA C 34 0.19 -3.15 -2.40
CA GLY C 35 0.98 -2.09 -5.97
CA GLN C 36 2.07 1.32 -7.23
CA LEU C 37 -1.43 2.56 -8.23
CA ALA C 38 -1.28 4.42 -4.94
CA GLN C 39 -0.77 7.32 -7.35
CA PRO C 40 2.71 7.00 -9.01
CA HIS C 41 2.66 10.77 -8.63
CA ARG C 42 4.96 11.92 -5.89
CA VAL C 43 7.23 8.95 -6.61
CA ARG C 44 7.75 10.76 -9.89
CA GLN C 45 6.71 14.31 -9.01
CA LEU C 46 8.68 14.41 -5.81
CA ARG C 47 11.79 13.10 -7.52
CA ARG C 48 11.88 15.74 -10.25
CA GLU C 49 11.97 18.71 -7.85
CA VAL C 50 15.30 17.57 -6.42
CA ALA C 51 16.62 20.01 -9.02
CA GLN C 52 14.28 22.76 -7.92
CA LEU C 53 16.09 21.74 -4.74
CA ASN C 54 19.48 21.15 -6.36
CA THR C 55 19.61 23.52 -9.32
CA VAL C 56 18.20 26.28 -7.15
CA LYS C 57 21.33 25.59 -5.09
CA ALA C 58 23.35 26.42 -8.24
CA GLU C 59 23.47 30.22 -8.07
CA LEU C 60 23.96 30.03 -4.30
CA ALA C 61 27.59 29.37 -5.23
CA ARG C 62 27.89 30.50 -8.84
CA LYS C 63 27.41 33.78 -6.97
CA GLY C 64 30.57 34.59 -4.96
CA GLU C 65 32.58 34.01 -8.14
CA GLN C 66 32.65 36.38 -11.13
CA ALA D 1 -34.17 -2.34 9.24
CA GLU D 2 -36.02 0.97 9.58
CA LEU D 3 -38.67 2.14 7.08
CA ILE D 4 -39.80 5.76 6.83
CA SER D 5 -42.75 6.31 4.52
CA LYS D 6 -44.53 8.89 2.33
CA GLU D 7 -43.64 12.08 0.43
CA GLY D 8 -45.67 11.71 -2.74
CA ASN D 9 -44.98 7.97 -2.98
CA LYS D 10 -41.37 8.52 -1.89
CA VAL D 11 -39.81 6.24 0.74
CA GLU D 12 -36.59 5.71 2.71
CA PHE D 13 -35.17 2.51 4.11
CA LYS D 14 -32.34 2.76 6.62
CA VAL D 15 -30.36 -0.41 7.17
CA SER D 16 -27.54 -1.43 9.50
CA VAL D 17 -25.19 -4.26 8.58
CA PRO D 18 -23.65 -6.27 11.45
CA ALA D 19 -21.78 -9.59 11.17
CA ALA D 20 -23.22 -10.95 7.90
CA GLU D 21 -21.84 -14.49 8.74
CA VAL D 22 -20.35 -14.44 12.33
CA ASN D 23 -16.54 -14.11 11.91
CA ARG D 24 -15.68 -17.75 12.56
CA ALA D 25 -17.75 -17.67 9.35
CA TYR D 26 -18.17 -13.89 8.87
CA ASP D 27 -14.44 -13.63 8.48
CA GLN D 28 -14.89 -16.78 6.38
CA VAL D 29 -14.40 -15.75 2.74
CA TRP D 30 -11.54 -13.30 3.24
CA ALA D 31 -9.73 -16.10 5.07
CA GLY D 32 -10.62 -18.40 2.17
CA LEU D 33 -9.77 -15.62 -0.32
CA ALA D 34 -6.22 -15.98 0.91
CA ARG D 35 -5.99 -19.25 -0.97
CA ASP D 36 -7.47 -18.53 -4.39
CA VAL D 37 -5.44 -15.51 -5.74
CA ARG D 38 -1.74 -15.42 -6.82
CA VAL D 39 0.89 -12.92 -5.65
CA PRO D 40 4.66 -12.60 -6.12
CA GLY D 41 7.17 -13.75 -3.57
CA PHE D 42 4.70 -16.51 -2.91
CA ARG D 43 3.53 -19.77 -4.35
CA PRO D 44 -0.26 -20.57 -4.08
CA GLY D 45 -1.89 -20.33 -0.67
CA LYS D 46 1.26 -19.15 1.22
CA ALA D 47 1.30 -15.29 1.25
CA PRO D 48 -0.77 -14.11 4.22
CA ARG D 49 -3.30 -11.43 4.97
CA LYS D 50 -1.35 -8.19 5.07
CA VAL D 51 0.71 -9.24 2.00
CA ILE D 52 -2.38 -10.19 0.09
CA GLU D 53 -4.45 -7.24 1.35
CA ASN D 54 -1.89 -5.10 -0.38
CA ARG D 55 -1.28 -6.09 -4.02
CA VAL D 56 -5.06 -6.50 -4.09
CA GLY D 57 -5.71 -2.95 -2.99
CA LYS D 58 -7.08 -2.85 0.56
CA GLY D 59 -10.46 -1.23 0.25
CA TYR D 60 -10.60 -2.94 -3.09
CA VAL D 61 -11.61 -6.23 -1.49
CA GLU D 62 -13.50 -4.68 1.43
CA SER D 63 -15.60 -4.45 -1.70
CA GLN D 64 -16.03 -8.23 -1.92
CA VAL D 65 -17.44 -8.11 1.58
CA ARG D 66 -19.29 -4.99 0.46
CA ASP D 67 -20.88 -7.00 -2.35
CA ARG D 68 -20.90 -10.42 -0.76
CA LEU D 69 -22.48 -9.80 2.64
CA LEU D 70 -23.70 -6.73 0.81
CA GLU D 71 -25.62 -8.80 -1.79
CA THR D 72 -27.62 -11.23 0.49
CA HIS D 73 -29.14 -8.55 2.70
CA TYR D 74 -29.46 -6.45 -0.48
CA SER D 75 -31.07 -9.77 -1.60
CA GLN D 76 -33.01 -9.49 1.63
CA GLY D 77 -33.44 -5.99 0.19
CA LEU D 78 -36.08 -7.55 -2.11
CA ARG D 79 -37.53 -9.92 0.51
CA GLU D 80 -40.22 -8.82 3.01
CA LEU D 81 -39.65 -5.48 1.27
CA GLY D 82 -40.87 -5.33 -2.33
CA LEU D 83 -38.61 -3.26 -4.71
CA ASN D 84 -38.55 0.33 -6.13
CA LEU D 85 -40.45 2.12 -8.87
CA VAL D 86 -37.24 3.83 -10.21
CA ASP D 87 -33.43 4.15 -9.53
CA ALA D 88 -32.91 3.81 -5.78
CA THR D 89 -30.63 6.44 -4.19
CA VAL D 90 -28.06 5.07 -1.76
CA ASP D 91 -27.17 7.40 1.13
CA PRO D 92 -24.22 5.84 2.98
CA GLN D 93 -23.27 6.70 6.51
CA ASP D 94 -19.72 6.84 7.82
CA VAL D 95 -17.86 3.57 7.44
CA GLN D 96 -15.63 2.66 10.35
CA SER D 97 -13.29 -0.29 9.91
CA GLY D 98 -14.59 -3.27 11.85
CA GLN D 99 -17.80 -1.54 12.96
CA ALA D 100 -21.49 -1.90 12.01
CA PHE D 101 -22.38 0.04 8.90
CA GLU D 102 -25.54 2.05 8.45
CA PHE D 103 -26.99 3.51 5.24
CA THR D 104 -30.22 4.63 3.62
CA VAL D 105 -31.98 3.97 0.33
CA LYS D 106 -34.51 6.40 -1.11
CA GLY D 107 -36.89 5.47 -3.91
CA GLU D 108 -40.52 5.61 -4.97
CA THR D 109 -43.26 2.98 -5.07
CA TYR D 110 -45.97 2.27 -7.66
CA PRO D 111 -49.31 3.48 -5.98
CA GLU D 112 -51.77 2.24 -3.33
CA VAL D 113 -55.18 0.55 -3.21
#